data_6H0D
#
_entry.id   6H0D
#
_cell.length_a   76.833
_cell.length_b   86.917
_cell.length_c   72.085
_cell.angle_alpha   90.00
_cell.angle_beta   102.07
_cell.angle_gamma   90.00
#
_symmetry.space_group_name_H-M   'C 1 2 1'
#
loop_
_entity.id
_entity.type
_entity.pdbx_description
1 polymer 'Putative diflavin flavoprotein A 3'
2 non-polymer 'CHLORIDE ION'
3 non-polymer 'SULFATE ION'
4 water water
#
_entity_poly.entity_id   1
_entity_poly.type   'polypeptide(L)'
_entity_poly.pdbx_seq_one_letter_code
;PAKDVQICPIAVDTTVFRSRTWDRLKFEIEYGLQRGTTANSYLISADKIALFDPPGESFTDNFVGTLIQRLDLNSLDYVI
LGHVNANRAHTLKLLLSLAPQATIICSNPAAQNLEKLLADAEVNNPIQVMKGNDHLDLGRGHELTFIPTPSPRYPGQLCT
YDPRTEILFTDKLFGAHVCGDQVFDEGWTIYQEDRRYYFDCLLAPAAAQVSAALNKLEAYPAQTYAPSHGPLVRYGLREL
TRNYQQWLSEQQAQALNVALIYASAYGNTSTLAQAIARGITKAGVAVTAINAETSNAEEIKEAIGKSAGFIFGSPTLGGH
APTPIQTALGITLANASKTQLCGVFGSFGWSGEAIDMLENKFRDAGFSFGFDTIRVKFKPTDQTLKMCEEAGTDFAQALK
KAE
;
_entity_poly.pdbx_strand_id   A
#
# COMPACT_ATOMS: atom_id res chain seq x y z
N PRO A 1 -11.57 23.28 1.18
CA PRO A 1 -10.99 24.25 0.25
C PRO A 1 -10.30 23.56 -0.92
N ALA A 2 -9.41 24.24 -1.66
CA ALA A 2 -8.68 23.60 -2.77
C ALA A 2 -7.42 22.83 -2.28
N LYS A 3 -6.90 21.94 -3.13
CA LYS A 3 -5.65 21.26 -2.81
C LYS A 3 -4.62 22.32 -2.51
N ASP A 4 -3.79 22.11 -1.49
CA ASP A 4 -2.62 22.98 -1.34
C ASP A 4 -1.38 22.15 -1.00
N VAL A 5 -0.29 22.87 -0.68
CA VAL A 5 0.93 22.28 -0.16
C VAL A 5 1.28 23.02 1.12
N GLN A 6 1.25 22.31 2.24
CA GLN A 6 1.58 22.87 3.55
C GLN A 6 3.03 22.57 3.81
N ILE A 7 3.83 23.59 4.09
CA ILE A 7 5.26 23.37 4.35
C ILE A 7 5.63 23.66 5.83
N CYS A 8 6.41 22.79 6.44
CA CYS A 8 6.75 22.99 7.83
C CYS A 8 8.11 22.35 8.18
N PRO A 9 8.99 23.13 8.86
CA PRO A 9 10.24 22.50 9.31
C PRO A 9 9.88 21.52 10.41
N ILE A 10 10.50 20.35 10.45
CA ILE A 10 10.07 19.38 11.43
C ILE A 10 11.19 18.86 12.28
N ALA A 11 12.43 19.03 11.83
CA ALA A 11 13.61 18.59 12.58
C ALA A 11 14.82 19.23 11.93
N VAL A 12 16.00 19.04 12.50
CA VAL A 12 17.14 19.78 11.99
C VAL A 12 17.35 19.32 10.54
N ASP A 13 17.47 20.32 9.65
CA ASP A 13 17.70 20.13 8.23
C ASP A 13 16.52 19.44 7.52
N THR A 14 15.40 19.30 8.21
CA THR A 14 14.31 18.48 7.70
C THR A 14 12.98 19.23 7.59
N THR A 15 12.40 19.18 6.39
CA THR A 15 11.15 19.86 6.11
C THR A 15 10.15 18.87 5.55
N VAL A 16 8.88 19.03 5.95
CA VAL A 16 7.80 18.24 5.36
C VAL A 16 7.01 19.13 4.40
N PHE A 17 6.64 18.54 3.27
CA PHE A 17 5.76 19.15 2.28
C PHE A 17 4.48 18.30 2.23
N ARG A 18 3.38 18.79 2.83
CA ARG A 18 2.15 17.99 2.83
C ARG A 18 1.23 18.47 1.73
N SER A 19 1.09 17.67 0.67
CA SER A 19 0.10 17.97 -0.37
C SER A 19 -1.24 17.57 0.18
N ARG A 20 -2.14 18.53 0.32
CA ARG A 20 -3.37 18.28 1.05
C ARG A 20 -4.57 18.30 0.12
N THR A 21 -5.52 17.42 0.38
CA THR A 21 -6.80 17.49 -0.31
C THR A 21 -7.92 17.24 0.71
N TRP A 22 -8.97 18.05 0.61
CA TRP A 22 -10.09 17.91 1.52
C TRP A 22 -11.15 17.02 0.86
N ASP A 23 -11.06 16.84 -0.45
CA ASP A 23 -11.96 15.93 -1.17
C ASP A 23 -11.48 14.47 -1.20
N ARG A 24 -12.29 13.58 -1.76
CA ARG A 24 -11.84 12.19 -1.87
C ARG A 24 -10.81 12.04 -2.99
N LEU A 25 -9.64 11.50 -2.66
CA LEU A 25 -8.56 11.42 -3.65
C LEU A 25 -8.90 10.39 -4.75
N LYS A 26 -9.24 9.16 -4.36
CA LYS A 26 -9.52 8.06 -5.30
C LYS A 26 -10.83 7.38 -4.90
N PHE A 27 -11.38 6.52 -5.76
CA PHE A 27 -12.44 5.61 -5.34
C PHE A 27 -11.79 4.34 -4.80
N GLU A 28 -11.29 4.42 -3.58
CA GLU A 28 -10.69 3.28 -2.93
C GLU A 28 -11.29 3.21 -1.53
N ILE A 29 -11.58 2.00 -1.05
CA ILE A 29 -12.28 1.84 0.22
C ILE A 29 -11.59 2.65 1.35
N GLU A 30 -10.27 2.80 1.27
CA GLU A 30 -9.55 3.46 2.35
C GLU A 30 -9.89 4.96 2.45
N TYR A 31 -10.49 5.53 1.39
CA TYR A 31 -10.84 6.95 1.44
C TYR A 31 -12.28 7.15 1.94
N GLY A 32 -12.85 6.05 2.41
CA GLY A 32 -14.28 5.98 2.74
C GLY A 32 -14.85 6.90 3.79
N LEU A 33 -14.07 7.28 4.79
CA LEU A 33 -14.56 8.18 5.83
C LEU A 33 -14.67 9.60 5.28
N GLN A 34 -14.15 9.81 4.07
CA GLN A 34 -14.24 11.10 3.39
C GLN A 34 -13.82 12.27 4.26
N ARG A 35 -12.67 12.13 4.91
N ARG A 35 -12.69 12.10 4.94
CA ARG A 35 -12.13 13.20 5.71
CA ARG A 35 -12.11 13.16 5.75
C ARG A 35 -10.90 13.77 5.04
C ARG A 35 -10.90 13.78 5.04
N GLY A 36 -10.82 13.58 3.72
CA GLY A 36 -9.71 14.08 2.93
C GLY A 36 -8.44 13.30 3.23
N THR A 37 -7.31 13.78 2.70
CA THR A 37 -6.03 13.18 3.00
C THR A 37 -4.86 14.13 2.71
N THR A 38 -3.64 13.66 3.02
CA THR A 38 -2.44 14.37 2.58
C THR A 38 -1.50 13.33 2.01
N ALA A 39 -0.61 13.79 1.13
CA ALA A 39 0.49 12.97 0.65
C ALA A 39 1.75 13.70 1.09
N ASN A 40 2.54 13.08 1.96
CA ASN A 40 3.65 13.76 2.60
C ASN A 40 4.99 13.49 1.92
N SER A 41 5.66 14.57 1.53
CA SER A 41 7.02 14.49 1.00
C SER A 41 7.97 15.09 2.01
N TYR A 42 9.19 14.59 2.04
CA TYR A 42 10.15 15.13 2.98
C TYR A 42 11.48 15.54 2.34
N LEU A 43 12.06 16.61 2.85
CA LEU A 43 13.32 17.12 2.36
C LEU A 43 14.35 17.13 3.49
N ILE A 44 15.44 16.38 3.30
CA ILE A 44 16.59 16.53 4.19
C ILE A 44 17.63 17.29 3.44
N SER A 45 18.03 18.44 3.97
CA SER A 45 19.00 19.24 3.25
C SER A 45 20.23 19.39 4.12
N ALA A 46 21.21 18.53 3.87
CA ALA A 46 22.42 18.57 4.67
C ALA A 46 23.56 18.81 3.72
N ASP A 47 24.63 18.02 3.85
CA ASP A 47 25.73 18.11 2.89
C ASP A 47 25.24 17.58 1.55
N LYS A 48 24.45 16.51 1.60
CA LYS A 48 23.72 16.08 0.43
C LYS A 48 22.24 16.42 0.67
N ILE A 49 21.47 16.47 -0.41
CA ILE A 49 20.06 16.85 -0.34
C ILE A 49 19.17 15.72 -0.85
N ALA A 50 18.29 15.20 0.01
CA ALA A 50 17.41 14.10 -0.36
C ALA A 50 15.94 14.49 -0.24
N LEU A 51 15.17 14.14 -1.27
CA LEU A 51 13.73 14.32 -1.27
C LEU A 51 13.04 12.93 -1.21
N PHE A 52 12.24 12.69 -0.16
CA PHE A 52 11.40 11.49 -0.01
C PHE A 52 10.03 11.64 -0.64
N ASP A 53 9.68 10.74 -1.55
CA ASP A 53 8.28 10.55 -1.91
C ASP A 53 7.50 11.74 -2.44
N PRO A 54 7.89 12.25 -3.62
CA PRO A 54 7.02 13.23 -4.29
C PRO A 54 5.63 12.64 -4.38
N PRO A 55 4.58 13.46 -4.29
CA PRO A 55 3.19 12.96 -4.30
C PRO A 55 2.75 12.50 -5.69
N GLY A 56 1.63 11.80 -5.79
CA GLY A 56 1.18 11.30 -7.08
C GLY A 56 0.55 12.33 -8.00
N GLU A 57 -0.18 11.83 -8.97
CA GLU A 57 -0.62 12.63 -10.10
C GLU A 57 -1.57 13.79 -9.78
N SER A 58 -2.44 13.64 -8.77
CA SER A 58 -3.37 14.71 -8.44
C SER A 58 -2.63 15.92 -7.91
N PHE A 59 -1.40 15.71 -7.51
CA PHE A 59 -0.63 16.68 -6.76
C PHE A 59 0.62 17.18 -7.54
N THR A 60 0.91 16.52 -8.66
CA THR A 60 2.16 16.76 -9.39
C THR A 60 2.48 18.23 -9.58
N ASP A 61 1.51 18.98 -10.11
CA ASP A 61 1.80 20.32 -10.54
C ASP A 61 1.94 21.29 -9.39
N ASN A 62 1.07 21.24 -8.39
CA ASN A 62 1.25 22.10 -7.24
C ASN A 62 2.55 21.81 -6.53
N PHE A 63 2.92 20.54 -6.53
CA PHE A 63 4.07 20.13 -5.75
C PHE A 63 5.36 20.63 -6.41
N VAL A 64 5.48 20.38 -7.71
CA VAL A 64 6.68 20.82 -8.42
C VAL A 64 6.76 22.34 -8.39
N GLY A 65 5.62 22.98 -8.62
CA GLY A 65 5.53 24.42 -8.57
C GLY A 65 5.93 25.00 -7.25
N THR A 66 5.53 24.37 -6.16
CA THR A 66 5.90 24.83 -4.81
C THR A 66 7.37 24.56 -4.53
N LEU A 67 7.81 23.35 -4.89
CA LEU A 67 9.15 22.91 -4.56
C LEU A 67 10.22 23.77 -5.24
N ILE A 68 10.04 24.11 -6.53
CA ILE A 68 11.05 24.92 -7.21
C ILE A 68 11.22 26.29 -6.57
N GLN A 69 10.23 26.73 -5.81
CA GLN A 69 10.32 28.04 -5.20
C GLN A 69 11.12 27.94 -3.94
N ARG A 70 11.33 26.72 -3.46
CA ARG A 70 12.09 26.52 -2.23
C ARG A 70 13.46 25.88 -2.47
N LEU A 71 13.60 25.18 -3.59
CA LEU A 71 14.79 24.36 -3.83
C LEU A 71 15.23 24.51 -5.28
N ASP A 72 16.52 24.70 -5.48
CA ASP A 72 17.09 24.59 -6.81
C ASP A 72 17.19 23.12 -7.14
N LEU A 73 16.28 22.64 -7.97
CA LEU A 73 16.21 21.21 -8.28
C LEU A 73 17.49 20.63 -8.91
N ASN A 74 18.38 21.48 -9.39
CA ASN A 74 19.65 21.01 -9.91
C ASN A 74 20.58 20.64 -8.77
N SER A 75 20.24 21.05 -7.56
CA SER A 75 21.01 20.75 -6.36
C SER A 75 20.51 19.50 -5.63
N LEU A 76 19.42 18.93 -6.13
CA LEU A 76 18.87 17.73 -5.52
C LEU A 76 19.78 16.52 -5.78
N ASP A 77 20.32 15.92 -4.72
CA ASP A 77 21.19 14.76 -4.90
C ASP A 77 20.42 13.45 -5.04
N TYR A 78 19.36 13.29 -4.23
CA TYR A 78 18.65 12.03 -4.15
C TYR A 78 17.13 12.17 -4.16
N VAL A 79 16.46 11.25 -4.85
CA VAL A 79 15.03 11.11 -4.67
C VAL A 79 14.80 9.73 -4.05
N ILE A 80 14.31 9.72 -2.81
CA ILE A 80 14.15 8.48 -2.04
C ILE A 80 12.70 8.00 -2.06
N LEU A 81 12.47 6.76 -2.53
CA LEU A 81 11.08 6.28 -2.65
C LEU A 81 10.73 5.21 -1.60
N GLY A 82 9.70 5.50 -0.81
CA GLY A 82 9.22 4.55 0.19
C GLY A 82 8.37 3.49 -0.47
N HIS A 83 7.83 3.80 -1.66
CA HIS A 83 7.12 2.82 -2.46
C HIS A 83 6.95 3.38 -3.86
N VAL A 84 6.51 2.56 -4.80
CA VAL A 84 6.46 2.95 -6.21
C VAL A 84 5.17 2.47 -6.84
N ASN A 85 4.51 3.36 -7.59
CA ASN A 85 3.41 2.94 -8.47
C ASN A 85 3.26 3.92 -9.66
N ALA A 86 2.32 3.62 -10.55
CA ALA A 86 2.12 4.48 -11.71
C ALA A 86 1.78 5.91 -11.30
N ASN A 87 0.96 6.04 -10.25
CA ASN A 87 0.58 7.33 -9.70
C ASN A 87 1.83 8.16 -9.35
N ARG A 88 2.73 7.61 -8.52
CA ARG A 88 3.95 8.31 -8.16
C ARG A 88 4.88 8.49 -9.37
N ALA A 89 4.94 7.47 -10.23
CA ALA A 89 5.84 7.52 -11.38
C ALA A 89 5.50 8.72 -12.26
N HIS A 90 4.23 9.06 -12.37
CA HIS A 90 3.83 10.22 -13.12
C HIS A 90 4.55 11.51 -12.68
N THR A 91 4.57 11.76 -11.38
CA THR A 91 5.27 12.94 -10.85
C THR A 91 6.77 12.85 -11.08
N LEU A 92 7.30 11.64 -10.92
CA LEU A 92 8.72 11.47 -11.05
C LEU A 92 9.18 11.86 -12.45
N LYS A 93 8.40 11.55 -13.47
CA LYS A 93 8.74 11.93 -14.86
C LYS A 93 9.06 13.42 -14.97
N LEU A 94 8.19 14.26 -14.43
CA LEU A 94 8.42 15.68 -14.46
C LEU A 94 9.57 16.03 -13.56
N LEU A 95 9.48 15.67 -12.28
CA LEU A 95 10.53 15.98 -11.31
C LEU A 95 11.95 15.59 -11.76
N LEU A 96 12.09 14.42 -12.36
CA LEU A 96 13.42 13.98 -12.79
C LEU A 96 13.89 14.67 -14.07
N SER A 97 12.98 15.25 -14.85
CA SER A 97 13.42 16.09 -15.97
C SER A 97 14.13 17.32 -15.42
N LEU A 98 13.60 17.83 -14.31
CA LEU A 98 14.13 19.04 -13.69
C LEU A 98 15.37 18.79 -12.86
N ALA A 99 15.48 17.57 -12.35
CA ALA A 99 16.62 17.19 -11.52
C ALA A 99 17.38 16.06 -12.17
N PRO A 100 17.92 16.30 -13.37
CA PRO A 100 18.52 15.19 -14.13
C PRO A 100 19.72 14.54 -13.40
N GLN A 101 20.35 15.28 -12.50
CA GLN A 101 21.51 14.82 -11.78
C GLN A 101 21.20 13.91 -10.61
N ALA A 102 19.95 13.91 -10.15
CA ALA A 102 19.60 13.20 -8.92
C ALA A 102 19.69 11.68 -9.11
N THR A 103 20.02 10.99 -8.02
CA THR A 103 19.96 9.54 -7.99
C THR A 103 18.71 8.99 -7.28
N ILE A 104 18.04 8.02 -7.90
CA ILE A 104 16.87 7.41 -7.24
C ILE A 104 17.32 6.38 -6.20
N ILE A 105 16.78 6.49 -5.00
CA ILE A 105 17.06 5.55 -3.92
C ILE A 105 15.80 4.75 -3.64
N CYS A 106 15.89 3.43 -3.76
CA CYS A 106 14.69 2.64 -3.47
C CYS A 106 15.00 1.15 -3.25
N SER A 107 13.97 0.37 -2.92
CA SER A 107 14.16 -1.07 -2.72
C SER A 107 14.32 -1.78 -4.06
N ASN A 108 14.76 -3.03 -4.00
CA ASN A 108 14.92 -3.79 -5.22
C ASN A 108 13.57 -4.05 -5.95
N PRO A 109 12.51 -4.47 -5.21
CA PRO A 109 11.25 -4.60 -5.95
C PRO A 109 10.75 -3.26 -6.52
N ALA A 110 10.97 -2.16 -5.80
CA ALA A 110 10.48 -0.86 -6.27
C ALA A 110 11.24 -0.52 -7.54
N ALA A 111 12.51 -0.90 -7.57
CA ALA A 111 13.36 -0.58 -8.70
C ALA A 111 12.87 -1.23 -10.00
N GLN A 112 12.53 -2.51 -9.92
CA GLN A 112 12.09 -3.23 -11.08
C GLN A 112 10.80 -2.62 -11.56
N ASN A 113 9.97 -2.23 -10.59
CA ASN A 113 8.67 -1.66 -10.88
C ASN A 113 8.87 -0.34 -11.61
N LEU A 114 9.75 0.50 -11.06
CA LEU A 114 10.00 1.82 -11.63
C LEU A 114 10.55 1.68 -13.06
N GLU A 115 11.42 0.71 -13.27
CA GLU A 115 12.02 0.50 -14.58
C GLU A 115 10.93 0.13 -15.59
N LYS A 116 10.05 -0.76 -15.20
CA LYS A 116 8.85 -1.01 -15.99
C LYS A 116 8.09 0.30 -16.24
N LEU A 117 7.68 1.00 -15.18
CA LEU A 117 6.82 2.18 -15.28
C LEU A 117 7.41 3.36 -16.02
N LEU A 118 8.72 3.42 -16.12
CA LEU A 118 9.36 4.53 -16.82
C LEU A 118 10.04 4.08 -18.11
N ALA A 119 9.74 2.86 -18.54
CA ALA A 119 10.32 2.30 -19.76
C ALA A 119 10.31 3.28 -20.94
N ASP A 120 9.20 3.99 -21.14
CA ASP A 120 9.06 4.89 -22.28
C ASP A 120 9.16 6.35 -21.90
N ALA A 121 9.58 6.63 -20.68
CA ALA A 121 9.91 8.00 -20.34
C ALA A 121 11.33 8.25 -20.84
N GLU A 122 11.67 9.50 -21.03
CA GLU A 122 13.01 9.80 -21.47
C GLU A 122 14.01 9.81 -20.31
N VAL A 123 13.53 10.03 -19.10
CA VAL A 123 14.39 10.07 -17.92
C VAL A 123 15.26 8.83 -17.75
N ASN A 124 16.52 9.05 -17.42
CA ASN A 124 17.44 7.93 -17.19
C ASN A 124 18.37 8.22 -16.01
N ASN A 125 17.81 8.82 -14.96
CA ASN A 125 18.51 8.94 -13.69
C ASN A 125 18.96 7.59 -13.19
N PRO A 126 20.11 7.55 -12.51
CA PRO A 126 20.54 6.25 -12.03
C PRO A 126 19.77 5.84 -10.77
N ILE A 127 19.62 4.54 -10.59
CA ILE A 127 18.95 3.98 -9.43
C ILE A 127 19.98 3.32 -8.52
N GLN A 128 19.96 3.65 -7.25
CA GLN A 128 20.76 2.91 -6.28
C GLN A 128 19.79 2.12 -5.41
N VAL A 129 19.86 0.79 -5.48
CA VAL A 129 18.96 -0.07 -4.72
C VAL A 129 19.46 -0.22 -3.29
N MET A 130 18.53 -0.23 -2.33
CA MET A 130 18.88 -0.41 -0.92
C MET A 130 18.18 -1.63 -0.31
N LYS A 131 18.94 -2.43 0.43
CA LYS A 131 18.35 -3.55 1.16
C LYS A 131 18.51 -3.22 2.64
N GLY A 132 18.10 -4.14 3.51
CA GLY A 132 18.18 -3.88 4.93
C GLY A 132 19.60 -3.60 5.41
N ASN A 133 19.73 -2.61 6.30
CA ASN A 133 21.00 -2.22 6.91
C ASN A 133 21.97 -1.54 5.97
N ASP A 134 21.53 -1.25 4.74
CA ASP A 134 22.29 -0.34 3.87
C ASP A 134 22.20 1.08 4.44
N HIS A 135 23.15 1.94 4.04
CA HIS A 135 23.19 3.31 4.55
C HIS A 135 23.36 4.33 3.45
N LEU A 136 23.00 5.56 3.77
CA LEU A 136 23.19 6.67 2.85
C LEU A 136 23.46 7.92 3.71
N ASP A 137 24.65 8.49 3.56
CA ASP A 137 25.08 9.59 4.39
C ASP A 137 24.80 10.90 3.70
N LEU A 138 24.01 11.75 4.35
CA LEU A 138 23.69 13.06 3.80
C LEU A 138 24.57 14.12 4.44
N GLY A 139 25.36 13.69 5.41
CA GLY A 139 26.25 14.57 6.16
C GLY A 139 25.56 15.17 7.36
N ARG A 140 26.33 15.83 8.22
CA ARG A 140 25.77 16.51 9.39
C ARG A 140 25.04 15.52 10.31
N GLY A 141 25.49 14.26 10.30
CA GLY A 141 24.93 13.23 11.15
C GLY A 141 23.74 12.43 10.60
N HIS A 142 23.19 12.90 9.49
CA HIS A 142 22.07 12.22 8.86
C HIS A 142 22.58 10.99 8.12
N GLU A 143 23.03 9.97 8.86
CA GLU A 143 23.37 8.74 8.19
C GLU A 143 22.16 7.83 8.18
N LEU A 144 21.49 7.76 7.03
CA LEU A 144 20.23 7.07 6.94
C LEU A 144 20.44 5.57 6.90
N THR A 145 19.51 4.81 7.49
CA THR A 145 19.50 3.36 7.37
C THR A 145 18.19 2.93 6.74
N PHE A 146 18.26 1.94 5.87
CA PHE A 146 17.08 1.51 5.15
C PHE A 146 16.54 0.18 5.65
N ILE A 147 15.23 0.04 5.59
CA ILE A 147 14.53 -1.11 6.13
C ILE A 147 13.40 -1.47 5.15
N PRO A 148 13.64 -2.43 4.23
CA PRO A 148 12.53 -2.94 3.41
C PRO A 148 11.38 -3.49 4.27
N THR A 149 10.14 -3.12 3.97
CA THR A 149 9.00 -3.61 4.73
C THR A 149 7.89 -4.03 3.74
N PRO A 150 8.17 -5.06 2.92
CA PRO A 150 7.26 -5.36 1.81
C PRO A 150 5.91 -5.91 2.29
N SER A 151 4.90 -5.70 1.47
CA SER A 151 3.55 -6.22 1.70
C SER A 151 2.97 -6.52 0.32
N PRO A 152 1.87 -7.28 0.25
CA PRO A 152 1.34 -7.62 -1.08
C PRO A 152 1.02 -6.40 -1.94
N ARG A 153 0.48 -5.35 -1.33
CA ARG A 153 0.15 -4.15 -2.07
C ARG A 153 1.36 -3.24 -2.33
N TYR A 154 2.38 -3.32 -1.47
CA TYR A 154 3.55 -2.46 -1.61
C TYR A 154 4.78 -3.30 -1.53
N PRO A 155 5.05 -4.05 -2.59
CA PRO A 155 6.16 -5.01 -2.57
C PRO A 155 7.50 -4.31 -2.44
N GLY A 156 7.55 -3.06 -2.89
CA GLY A 156 8.79 -2.28 -2.89
C GLY A 156 8.92 -1.36 -1.68
N GLN A 157 8.07 -1.56 -0.68
CA GLN A 157 8.03 -0.61 0.43
C GLN A 157 9.35 -0.61 1.20
N LEU A 158 9.83 0.59 1.50
CA LEU A 158 11.12 0.81 2.12
C LEU A 158 10.99 1.88 3.18
N CYS A 159 11.33 1.56 4.44
CA CYS A 159 11.29 2.55 5.51
C CYS A 159 12.70 3.03 5.71
N THR A 160 12.84 4.22 6.29
CA THR A 160 14.13 4.87 6.42
C THR A 160 14.27 5.48 7.79
N TYR A 161 15.40 5.25 8.44
CA TYR A 161 15.67 5.86 9.73
C TYR A 161 16.77 6.94 9.64
N ASP A 162 16.48 8.13 10.19
CA ASP A 162 17.48 9.19 10.33
C ASP A 162 17.86 9.36 11.81
N PRO A 163 19.08 8.94 12.17
CA PRO A 163 19.50 9.02 13.58
C PRO A 163 19.74 10.45 14.06
N ARG A 164 20.09 11.39 13.18
CA ARG A 164 20.31 12.77 13.62
C ARG A 164 19.00 13.36 14.18
N THR A 165 17.88 12.98 13.58
CA THR A 165 16.60 13.55 13.97
C THR A 165 15.67 12.56 14.71
N GLU A 166 16.08 11.28 14.76
CA GLU A 166 15.27 10.22 15.36
C GLU A 166 13.90 10.11 14.66
N ILE A 167 13.88 10.39 13.36
CA ILE A 167 12.69 10.22 12.56
C ILE A 167 12.77 8.91 11.80
N LEU A 168 11.70 8.14 11.88
CA LEU A 168 11.52 6.96 11.05
C LEU A 168 10.54 7.31 9.95
N PHE A 169 10.97 7.25 8.69
CA PHE A 169 10.10 7.54 7.56
C PHE A 169 9.40 6.24 7.21
N THR A 170 8.09 6.19 7.43
CA THR A 170 7.39 4.91 7.53
C THR A 170 6.50 4.63 6.36
N ASP A 171 6.44 5.57 5.41
CA ASP A 171 5.70 5.38 4.16
C ASP A 171 4.25 5.02 4.51
N LYS A 172 3.73 3.88 4.03
CA LYS A 172 2.32 3.56 4.26
C LYS A 172 2.00 3.08 5.69
N LEU A 173 3.00 2.76 6.49
CA LEU A 173 2.71 2.34 7.85
C LEU A 173 2.49 3.53 8.76
N PHE A 174 1.50 3.41 9.66
CA PHE A 174 1.26 4.34 10.76
C PHE A 174 0.56 5.61 10.35
N GLY A 175 0.03 5.66 9.14
CA GLY A 175 -0.62 6.87 8.68
C GLY A 175 -2.13 6.94 8.90
N ALA A 176 -2.74 7.99 8.36
CA ALA A 176 -4.17 8.17 8.45
C ALA A 176 -4.61 9.06 7.30
N HIS A 177 -5.72 8.69 6.65
CA HIS A 177 -6.27 9.54 5.61
C HIS A 177 -7.16 10.61 6.21
N VAL A 178 -6.51 11.69 6.65
CA VAL A 178 -7.23 12.82 7.20
C VAL A 178 -6.46 14.09 6.87
N CYS A 179 -7.20 15.04 6.31
CA CYS A 179 -6.66 16.35 6.03
C CYS A 179 -7.05 17.32 7.14
N GLY A 180 -6.03 17.87 7.79
CA GLY A 180 -6.23 18.92 8.76
C GLY A 180 -5.11 19.93 8.66
N ASP A 181 -5.16 20.95 9.52
CA ASP A 181 -4.14 21.99 9.57
C ASP A 181 -2.95 21.60 10.42
N GLN A 182 -3.18 20.73 11.40
CA GLN A 182 -2.10 20.28 12.28
C GLN A 182 -1.09 19.43 11.53
N VAL A 183 0.17 19.86 11.48
CA VAL A 183 1.24 19.07 10.88
C VAL A 183 1.55 17.88 11.78
N PHE A 184 1.39 18.09 13.09
CA PHE A 184 1.68 17.06 14.08
C PHE A 184 0.43 16.54 14.69
N ASP A 185 0.52 15.39 15.35
CA ASP A 185 -0.66 14.66 15.81
C ASP A 185 -1.01 14.89 17.31
N GLU A 186 -1.10 16.14 17.77
CA GLU A 186 -1.48 16.33 19.17
C GLU A 186 -2.95 16.00 19.37
N GLY A 187 -3.25 15.25 20.44
CA GLY A 187 -4.58 14.71 20.66
C GLY A 187 -4.70 13.27 20.16
N TRP A 188 -5.16 12.38 21.02
CA TRP A 188 -5.28 11.00 20.60
C TRP A 188 -6.60 10.74 19.92
N THR A 189 -7.68 11.17 20.57
CA THR A 189 -9.02 10.75 20.19
C THR A 189 -9.45 11.24 18.80
N ILE A 190 -9.16 12.48 18.45
CA ILE A 190 -9.56 12.97 17.12
C ILE A 190 -9.02 12.12 15.97
N TYR A 191 -7.89 11.42 16.16
CA TYR A 191 -7.30 10.64 15.06
C TYR A 191 -7.55 9.16 15.20
N GLN A 192 -8.14 8.76 16.33
CA GLN A 192 -8.25 7.33 16.67
C GLN A 192 -9.06 6.53 15.62
N GLU A 193 -10.23 7.02 15.22
CA GLU A 193 -11.04 6.31 14.22
C GLU A 193 -10.33 6.20 12.86
N ASP A 194 -9.76 7.31 12.42
CA ASP A 194 -9.03 7.36 11.16
C ASP A 194 -7.87 6.37 11.13
N ARG A 195 -7.14 6.27 12.25
CA ARG A 195 -5.97 5.41 12.32
C ARG A 195 -6.37 3.95 12.28
N ARG A 196 -7.45 3.60 12.97
CA ARG A 196 -7.88 2.22 12.99
C ARG A 196 -8.46 1.84 11.64
N TYR A 197 -9.24 2.75 11.04
CA TYR A 197 -9.83 2.48 9.73
C TYR A 197 -8.73 2.28 8.69
N TYR A 198 -7.70 3.11 8.76
CA TYR A 198 -6.53 2.99 7.91
C TYR A 198 -5.91 1.60 8.06
N PHE A 199 -5.64 1.21 9.30
CA PHE A 199 -5.10 -0.12 9.56
C PHE A 199 -5.97 -1.21 8.95
N ASP A 200 -7.26 -1.12 9.22
CA ASP A 200 -8.23 -2.12 8.81
C ASP A 200 -8.29 -2.29 7.31
N CYS A 201 -8.25 -1.17 6.60
CA CYS A 201 -8.32 -1.23 5.15
C CYS A 201 -7.02 -1.63 4.50
N LEU A 202 -5.91 -1.06 4.98
CA LEU A 202 -4.63 -1.29 4.33
C LEU A 202 -3.82 -2.43 4.91
N LEU A 203 -3.90 -2.64 6.22
CA LEU A 203 -2.85 -3.44 6.80
C LEU A 203 -3.36 -4.76 7.30
N ALA A 204 -4.61 -4.81 7.74
CA ALA A 204 -5.17 -6.04 8.29
C ALA A 204 -5.01 -7.26 7.36
N PRO A 205 -5.18 -7.06 6.03
CA PRO A 205 -5.02 -8.25 5.20
C PRO A 205 -3.56 -8.63 4.96
N ALA A 206 -2.64 -7.86 5.53
CA ALA A 206 -1.23 -8.16 5.40
C ALA A 206 -0.60 -8.28 6.78
N ALA A 207 -1.33 -8.88 7.73
CA ALA A 207 -0.94 -8.78 9.14
C ALA A 207 0.43 -9.41 9.41
N ALA A 208 0.70 -10.55 8.81
CA ALA A 208 1.98 -11.21 9.05
C ALA A 208 3.16 -10.35 8.54
N GLN A 209 3.01 -9.77 7.35
CA GLN A 209 4.05 -8.88 6.80
C GLN A 209 4.17 -7.61 7.62
N VAL A 210 3.02 -7.08 8.11
CA VAL A 210 3.06 -5.81 8.85
C VAL A 210 3.71 -6.07 10.24
N SER A 211 3.43 -7.23 10.84
CA SER A 211 4.06 -7.63 12.09
C SER A 211 5.56 -7.73 11.88
N ALA A 212 5.95 -8.35 10.77
CA ALA A 212 7.36 -8.53 10.47
C ALA A 212 8.04 -7.17 10.34
N ALA A 213 7.35 -6.24 9.70
CA ALA A 213 7.88 -4.88 9.54
C ALA A 213 8.05 -4.22 10.88
N LEU A 214 7.01 -4.28 11.71
CA LEU A 214 7.12 -3.60 12.98
C LEU A 214 8.22 -4.24 13.83
N ASN A 215 8.42 -5.55 13.70
CA ASN A 215 9.51 -6.18 14.44
C ASN A 215 10.88 -5.58 14.09
N LYS A 216 11.11 -5.35 12.80
CA LYS A 216 12.36 -4.75 12.34
C LYS A 216 12.51 -3.29 12.82
N LEU A 217 11.42 -2.52 12.68
CA LEU A 217 11.42 -1.12 13.05
C LEU A 217 11.64 -0.86 14.55
N GLU A 218 11.32 -1.85 15.41
CA GLU A 218 11.61 -1.75 16.85
C GLU A 218 13.09 -1.51 17.15
N ALA A 219 13.98 -1.91 16.24
CA ALA A 219 15.40 -1.75 16.50
C ALA A 219 15.86 -0.30 16.44
N TYR A 220 15.02 0.61 15.97
CA TYR A 220 15.40 2.01 15.76
C TYR A 220 14.67 2.88 16.75
N PRO A 221 15.43 3.65 17.52
CA PRO A 221 14.86 4.47 18.60
C PRO A 221 14.08 5.72 18.13
N ALA A 222 13.09 5.54 17.24
CA ALA A 222 12.36 6.66 16.65
C ALA A 222 11.54 7.43 17.67
N GLN A 223 11.58 8.77 17.59
CA GLN A 223 10.76 9.67 18.40
C GLN A 223 9.59 10.20 17.57
N THR A 224 9.66 10.00 16.25
CA THR A 224 8.65 10.46 15.31
C THR A 224 8.51 9.43 14.21
N TYR A 225 7.26 9.14 13.80
CA TYR A 225 7.05 8.46 12.52
C TYR A 225 6.67 9.51 11.50
N ALA A 226 7.28 9.46 10.33
CA ALA A 226 6.91 10.37 9.28
C ALA A 226 6.30 9.57 8.13
N PRO A 227 4.95 9.48 8.10
CA PRO A 227 4.23 8.57 7.18
C PRO A 227 3.84 9.23 5.89
N SER A 228 3.31 8.46 4.94
CA SER A 228 2.83 9.02 3.67
C SER A 228 1.64 9.92 3.86
N HIS A 229 0.78 9.61 4.85
CA HIS A 229 -0.54 10.24 4.91
C HIS A 229 -0.87 10.70 6.30
N GLY A 230 -1.33 11.95 6.42
CA GLY A 230 -1.86 12.45 7.66
C GLY A 230 -0.81 13.25 8.40
N PRO A 231 -1.03 13.49 9.69
CA PRO A 231 -0.03 14.17 10.51
C PRO A 231 1.19 13.32 10.77
N LEU A 232 2.29 13.98 11.08
CA LEU A 232 3.46 13.27 11.60
C LEU A 232 3.10 12.68 12.97
N VAL A 233 3.65 11.49 13.27
CA VAL A 233 3.26 10.76 14.49
C VAL A 233 4.31 10.94 15.56
N ARG A 234 4.03 11.83 16.50
CA ARG A 234 4.99 12.16 17.54
C ARG A 234 4.33 11.99 18.89
N TYR A 235 3.19 12.65 19.05
CA TYR A 235 2.50 12.58 20.33
C TYR A 235 1.82 11.23 20.52
N GLY A 236 1.37 10.63 19.43
CA GLY A 236 0.66 9.36 19.52
C GLY A 236 1.48 8.12 19.18
N LEU A 237 2.79 8.30 19.12
CA LEU A 237 3.69 7.28 18.60
C LEU A 237 3.61 5.98 19.42
N ARG A 238 3.85 6.08 20.72
CA ARG A 238 3.83 4.88 21.54
C ARG A 238 2.46 4.25 21.51
N GLU A 239 1.44 5.08 21.75
CA GLU A 239 0.08 4.58 21.84
C GLU A 239 -0.34 3.94 20.51
N LEU A 240 -0.01 4.59 19.39
CA LEU A 240 -0.38 4.04 18.09
C LEU A 240 0.32 2.69 17.88
N THR A 241 1.57 2.59 18.34
CA THR A 241 2.36 1.38 18.10
C THR A 241 1.81 0.22 18.92
N ARG A 242 1.47 0.46 20.18
CA ARG A 242 0.82 -0.56 20.98
C ARG A 242 -0.53 -0.99 20.38
N ASN A 243 -1.30 -0.03 19.88
CA ASN A 243 -2.53 -0.37 19.21
C ASN A 243 -2.26 -1.25 17.98
N TYR A 244 -1.24 -0.89 17.18
CA TYR A 244 -0.89 -1.74 16.04
C TYR A 244 -0.59 -3.17 16.49
N GLN A 245 0.22 -3.32 17.53
N GLN A 245 0.25 -3.29 17.52
CA GLN A 245 0.56 -4.66 17.98
CA GLN A 245 0.59 -4.59 18.08
C GLN A 245 -0.66 -5.43 18.48
C GLN A 245 -0.66 -5.39 18.45
N GLN A 246 -1.59 -4.73 19.13
CA GLN A 246 -2.86 -5.35 19.55
C GLN A 246 -3.77 -5.72 18.36
N TRP A 247 -3.94 -4.78 17.42
CA TRP A 247 -4.73 -5.05 16.22
C TRP A 247 -4.15 -6.20 15.39
N LEU A 248 -2.84 -6.22 15.22
CA LEU A 248 -2.19 -7.32 14.49
C LEU A 248 -2.46 -8.65 15.20
N SER A 249 -2.37 -8.64 16.52
CA SER A 249 -2.60 -9.85 17.26
C SER A 249 -4.00 -10.32 17.09
N GLU A 250 -4.96 -9.39 17.19
CA GLU A 250 -6.38 -9.73 16.95
C GLU A 250 -6.56 -10.39 15.60
N GLN A 251 -5.96 -9.80 14.57
CA GLN A 251 -6.13 -10.31 13.21
C GLN A 251 -5.64 -11.73 13.12
N GLN A 252 -4.43 -11.96 13.58
CA GLN A 252 -3.83 -13.25 13.38
C GLN A 252 -4.47 -14.29 14.31
N ALA A 253 -5.27 -13.82 15.26
CA ALA A 253 -5.89 -14.75 16.20
C ALA A 253 -7.33 -15.17 15.87
N GLN A 254 -7.92 -14.65 14.79
CA GLN A 254 -9.30 -15.02 14.45
C GLN A 254 -9.40 -16.47 13.93
N ALA A 255 -10.50 -17.15 14.22
CA ALA A 255 -10.54 -18.60 13.98
C ALA A 255 -10.55 -18.93 12.48
N LEU A 256 -11.24 -18.11 11.72
CA LEU A 256 -11.29 -18.32 10.27
C LEU A 256 -10.42 -17.32 9.50
N ASN A 257 -9.88 -17.81 8.40
CA ASN A 257 -8.99 -17.02 7.58
C ASN A 257 -9.38 -17.23 6.11
N VAL A 258 -9.32 -16.18 5.30
CA VAL A 258 -9.54 -16.33 3.87
C VAL A 258 -8.27 -15.96 3.11
N ALA A 259 -7.84 -16.84 2.19
CA ALA A 259 -6.75 -16.54 1.26
C ALA A 259 -7.32 -15.75 0.06
N LEU A 260 -6.88 -14.52 -0.11
CA LEU A 260 -7.43 -13.70 -1.18
C LEU A 260 -6.29 -13.50 -2.13
N ILE A 261 -6.35 -14.23 -3.24
CA ILE A 261 -5.29 -14.23 -4.22
C ILE A 261 -5.66 -13.38 -5.42
N TYR A 262 -4.88 -12.36 -5.72
CA TYR A 262 -5.26 -11.50 -6.84
C TYR A 262 -4.07 -11.02 -7.65
N ALA A 263 -4.38 -10.43 -8.79
CA ALA A 263 -3.41 -9.71 -9.60
C ALA A 263 -4.10 -8.49 -10.25
N SER A 264 -3.31 -7.50 -10.67
CA SER A 264 -3.89 -6.30 -11.28
C SER A 264 -2.85 -5.60 -12.15
N ALA A 265 -3.16 -5.37 -13.44
CA ALA A 265 -2.28 -4.63 -14.34
C ALA A 265 -2.38 -3.11 -14.13
N TYR A 266 -3.61 -2.56 -14.09
CA TYR A 266 -3.79 -1.12 -13.92
C TYR A 266 -4.47 -0.69 -12.59
N GLY A 267 -4.67 -1.63 -11.66
CA GLY A 267 -5.11 -1.30 -10.32
C GLY A 267 -6.59 -1.56 -10.03
N ASN A 268 -7.36 -1.77 -11.08
CA ASN A 268 -8.80 -1.95 -10.90
C ASN A 268 -9.16 -3.18 -10.08
N THR A 269 -8.55 -4.31 -10.40
CA THR A 269 -8.89 -5.54 -9.69
C THR A 269 -8.36 -5.43 -8.26
N SER A 270 -7.23 -4.73 -8.11
CA SER A 270 -6.68 -4.50 -6.77
C SER A 270 -7.66 -3.69 -5.89
N THR A 271 -8.21 -2.62 -6.46
CA THR A 271 -9.21 -1.80 -5.76
C THR A 271 -10.37 -2.70 -5.30
N LEU A 272 -10.81 -3.62 -6.16
CA LEU A 272 -11.90 -4.55 -5.79
C LEU A 272 -11.49 -5.45 -4.64
N ALA A 273 -10.25 -5.93 -4.71
CA ALA A 273 -9.72 -6.85 -3.69
C ALA A 273 -9.74 -6.21 -2.28
N GLN A 274 -9.35 -4.93 -2.22
CA GLN A 274 -9.24 -4.19 -0.96
C GLN A 274 -10.61 -4.16 -0.35
N ALA A 275 -11.60 -3.93 -1.22
CA ALA A 275 -12.99 -3.77 -0.78
C ALA A 275 -13.53 -5.08 -0.24
N ILE A 276 -13.32 -6.17 -1.00
CA ILE A 276 -13.76 -7.50 -0.58
C ILE A 276 -13.08 -7.93 0.73
N ALA A 277 -11.79 -7.66 0.82
CA ALA A 277 -11.05 -7.97 2.05
C ALA A 277 -11.70 -7.26 3.25
N ARG A 278 -12.00 -5.98 3.09
CA ARG A 278 -12.54 -5.16 4.18
C ARG A 278 -13.90 -5.73 4.64
N GLY A 279 -14.71 -6.17 3.68
CA GLY A 279 -15.99 -6.77 4.03
C GLY A 279 -15.78 -8.03 4.84
N ILE A 280 -14.72 -8.79 4.49
CA ILE A 280 -14.40 -10.00 5.23
C ILE A 280 -13.84 -9.69 6.62
N THR A 281 -12.87 -8.78 6.71
CA THR A 281 -12.24 -8.56 8.01
C THR A 281 -13.23 -7.86 8.96
N LYS A 282 -14.11 -7.02 8.42
CA LYS A 282 -15.00 -6.28 9.33
C LYS A 282 -16.02 -7.26 9.93
N ALA A 283 -16.14 -8.43 9.31
CA ALA A 283 -17.02 -9.48 9.79
C ALA A 283 -16.33 -10.44 10.75
N GLY A 284 -15.10 -10.13 11.15
CA GLY A 284 -14.37 -10.95 12.12
C GLY A 284 -13.63 -12.14 11.56
N VAL A 285 -13.43 -12.18 10.24
CA VAL A 285 -12.66 -13.24 9.58
C VAL A 285 -11.37 -12.65 9.02
N ALA A 286 -10.23 -13.28 9.31
CA ALA A 286 -8.93 -12.79 8.86
C ALA A 286 -8.82 -12.94 7.36
N VAL A 287 -8.04 -12.07 6.73
CA VAL A 287 -7.69 -12.20 5.33
C VAL A 287 -6.19 -12.21 5.17
N THR A 288 -5.69 -13.18 4.40
CA THR A 288 -4.32 -13.19 3.92
C THR A 288 -4.34 -12.85 2.44
N ALA A 289 -4.07 -11.58 2.17
CA ALA A 289 -4.03 -11.11 0.83
C ALA A 289 -2.72 -11.65 0.19
N ILE A 290 -2.82 -12.12 -1.05
CA ILE A 290 -1.69 -12.60 -1.81
C ILE A 290 -1.72 -11.88 -3.16
N ASN A 291 -0.68 -11.08 -3.44
CA ASN A 291 -0.47 -10.51 -4.76
C ASN A 291 0.27 -11.55 -5.60
N ALA A 292 -0.45 -12.23 -6.49
CA ALA A 292 0.12 -13.37 -7.23
C ALA A 292 1.32 -12.95 -8.06
N GLU A 293 1.37 -11.69 -8.44
CA GLU A 293 2.48 -11.22 -9.26
C GLU A 293 3.79 -11.18 -8.48
N THR A 294 3.71 -11.00 -7.17
CA THR A 294 4.93 -10.87 -6.39
C THR A 294 5.13 -12.01 -5.40
N SER A 295 4.12 -12.82 -5.20
CA SER A 295 4.23 -13.94 -4.28
C SER A 295 5.02 -15.14 -4.86
N ASN A 296 5.37 -16.06 -3.98
CA ASN A 296 6.05 -17.29 -4.35
C ASN A 296 5.14 -18.48 -4.07
N ALA A 297 5.52 -19.65 -4.56
CA ALA A 297 4.69 -20.83 -4.43
C ALA A 297 4.42 -21.19 -2.97
N GLU A 298 5.42 -21.08 -2.11
CA GLU A 298 5.27 -21.54 -0.72
C GLU A 298 4.35 -20.61 0.05
N GLU A 299 4.40 -19.33 -0.29
CA GLU A 299 3.44 -18.36 0.19
C GLU A 299 2.00 -18.81 -0.07
N ILE A 300 1.72 -19.22 -1.30
CA ILE A 300 0.37 -19.61 -1.68
C ILE A 300 -0.01 -20.93 -1.00
N LYS A 301 0.87 -21.92 -1.00
CA LYS A 301 0.56 -23.20 -0.33
C LYS A 301 0.25 -22.98 1.12
N GLU A 302 1.01 -22.10 1.74
CA GLU A 302 0.88 -21.82 3.14
C GLU A 302 -0.48 -21.16 3.41
N ALA A 303 -0.78 -20.10 2.66
CA ALA A 303 -2.06 -19.45 2.77
C ALA A 303 -3.22 -20.45 2.55
N ILE A 304 -3.15 -21.23 1.47
CA ILE A 304 -4.23 -22.19 1.20
C ILE A 304 -4.27 -23.27 2.29
N GLY A 305 -3.10 -23.55 2.84
CA GLY A 305 -2.97 -24.46 3.95
C GLY A 305 -3.74 -24.05 5.19
N LYS A 306 -3.81 -22.76 5.49
CA LYS A 306 -4.53 -22.38 6.70
C LYS A 306 -5.90 -21.74 6.43
N SER A 307 -6.33 -21.62 5.19
CA SER A 307 -7.57 -20.88 4.99
C SER A 307 -8.81 -21.77 5.06
N ALA A 308 -9.94 -21.13 5.36
CA ALA A 308 -11.24 -21.76 5.33
C ALA A 308 -11.91 -21.51 3.99
N GLY A 309 -11.46 -20.48 3.31
CA GLY A 309 -11.97 -20.21 1.99
C GLY A 309 -10.87 -19.48 1.25
N PHE A 310 -11.00 -19.41 -0.07
CA PHE A 310 -10.06 -18.67 -0.87
C PHE A 310 -10.83 -17.92 -1.94
N ILE A 311 -10.30 -16.77 -2.33
CA ILE A 311 -10.93 -15.93 -3.34
C ILE A 311 -9.88 -15.53 -4.39
N PHE A 312 -10.26 -15.61 -5.67
CA PHE A 312 -9.37 -15.24 -6.78
C PHE A 312 -9.90 -13.97 -7.44
N GLY A 313 -9.02 -12.99 -7.63
CA GLY A 313 -9.35 -11.78 -8.39
C GLY A 313 -8.38 -11.66 -9.55
N SER A 314 -8.92 -11.46 -10.76
CA SER A 314 -8.07 -11.46 -11.96
C SER A 314 -8.54 -10.48 -13.01
N PRO A 315 -7.61 -9.70 -13.60
CA PRO A 315 -7.95 -8.93 -14.80
C PRO A 315 -7.88 -9.85 -16.00
N THR A 316 -8.21 -9.32 -17.18
CA THR A 316 -8.10 -10.10 -18.41
C THR A 316 -7.16 -9.39 -19.39
N LEU A 317 -6.12 -10.10 -19.80
CA LEU A 317 -5.04 -9.50 -20.56
C LEU A 317 -4.90 -10.30 -21.80
N GLY A 318 -5.38 -9.75 -22.91
CA GLY A 318 -5.40 -10.49 -24.15
C GLY A 318 -6.20 -11.78 -24.01
N GLY A 319 -7.34 -11.67 -23.32
CA GLY A 319 -8.30 -12.75 -23.27
C GLY A 319 -7.94 -13.86 -22.32
N HIS A 320 -6.88 -13.67 -21.56
CA HIS A 320 -6.44 -14.67 -20.61
C HIS A 320 -6.22 -14.05 -19.27
N ALA A 321 -6.24 -14.89 -18.24
CA ALA A 321 -5.69 -14.52 -16.94
C ALA A 321 -4.20 -14.23 -17.11
N PRO A 322 -3.68 -13.31 -16.30
CA PRO A 322 -2.24 -13.10 -16.22
C PRO A 322 -1.56 -14.42 -15.85
N THR A 323 -0.34 -14.65 -16.32
CA THR A 323 0.40 -15.86 -15.94
C THR A 323 0.46 -16.20 -14.41
N PRO A 324 0.69 -15.20 -13.54
CA PRO A 324 0.72 -15.50 -12.10
C PRO A 324 -0.59 -16.02 -11.51
N ILE A 325 -1.71 -15.62 -12.12
CA ILE A 325 -3.00 -16.16 -11.73
C ILE A 325 -3.17 -17.62 -12.21
N GLN A 326 -2.67 -17.93 -13.41
CA GLN A 326 -2.69 -19.30 -13.92
C GLN A 326 -1.89 -20.23 -13.01
N THR A 327 -0.68 -19.83 -12.67
CA THR A 327 0.16 -20.67 -11.83
C THR A 327 -0.41 -20.75 -10.38
N ALA A 328 -0.97 -19.66 -9.86
CA ALA A 328 -1.62 -19.68 -8.53
C ALA A 328 -2.81 -20.65 -8.52
N LEU A 329 -3.56 -20.66 -9.62
CA LEU A 329 -4.67 -21.58 -9.78
C LEU A 329 -4.22 -23.04 -9.64
N GLY A 330 -3.10 -23.39 -10.26
CA GLY A 330 -2.56 -24.73 -10.17
C GLY A 330 -2.22 -25.12 -8.75
N ILE A 331 -1.53 -24.23 -8.06
CA ILE A 331 -1.10 -24.51 -6.69
C ILE A 331 -2.33 -24.64 -5.82
N THR A 332 -3.32 -23.78 -6.08
CA THR A 332 -4.54 -23.82 -5.29
C THR A 332 -5.28 -25.13 -5.53
N LEU A 333 -5.48 -25.48 -6.80
CA LEU A 333 -6.19 -26.71 -7.11
C LEU A 333 -5.43 -27.91 -6.55
N ALA A 334 -4.09 -27.84 -6.51
CA ALA A 334 -3.28 -28.97 -6.05
C ALA A 334 -3.28 -29.10 -4.52
N ASN A 335 -3.77 -28.09 -3.82
CA ASN A 335 -3.66 -28.07 -2.36
C ASN A 335 -4.93 -27.84 -1.57
N ALA A 336 -5.94 -27.22 -2.15
CA ALA A 336 -7.11 -26.85 -1.38
C ALA A 336 -8.08 -28.00 -1.29
N SER A 337 -8.56 -28.27 -0.08
CA SER A 337 -9.64 -29.22 0.11
C SER A 337 -10.94 -28.68 -0.49
N LYS A 338 -11.79 -29.57 -1.01
CA LYS A 338 -12.99 -29.16 -1.74
C LYS A 338 -14.02 -28.56 -0.79
N THR A 339 -13.73 -28.67 0.50
CA THR A 339 -14.56 -28.06 1.54
C THR A 339 -14.27 -26.57 1.74
N GLN A 340 -13.22 -26.06 1.10
CA GLN A 340 -12.95 -24.63 1.19
C GLN A 340 -14.00 -23.87 0.39
N LEU A 341 -14.48 -22.77 0.92
CA LEU A 341 -15.40 -21.91 0.19
C LEU A 341 -14.61 -21.13 -0.85
N CYS A 342 -15.22 -20.93 -2.02
CA CYS A 342 -14.55 -20.32 -3.17
C CYS A 342 -15.21 -18.99 -3.59
N GLY A 343 -14.44 -18.06 -4.12
CA GLY A 343 -14.99 -16.83 -4.66
C GLY A 343 -14.24 -16.38 -5.91
N VAL A 344 -14.93 -15.69 -6.83
CA VAL A 344 -14.25 -15.15 -8.01
C VAL A 344 -14.68 -13.71 -8.31
N PHE A 345 -13.71 -12.81 -8.50
CA PHE A 345 -14.01 -11.44 -8.93
C PHE A 345 -12.99 -10.92 -9.95
N GLY A 346 -13.32 -9.83 -10.63
CA GLY A 346 -12.34 -9.19 -11.48
C GLY A 346 -12.87 -7.97 -12.21
N SER A 347 -11.94 -7.11 -12.60
CA SER A 347 -12.27 -6.00 -13.47
C SER A 347 -11.90 -6.38 -14.89
N PHE A 348 -12.59 -5.78 -15.85
CA PHE A 348 -12.24 -5.98 -17.25
C PHE A 348 -12.76 -4.84 -18.13
N GLY A 349 -12.28 -4.80 -19.38
CA GLY A 349 -12.64 -3.77 -20.34
C GLY A 349 -13.51 -4.37 -21.41
N TRP A 350 -12.90 -4.75 -22.53
CA TRP A 350 -13.68 -5.34 -23.61
C TRP A 350 -14.21 -6.72 -23.20
N SER A 351 -13.39 -7.52 -22.53
CA SER A 351 -13.76 -8.90 -22.26
C SER A 351 -13.26 -9.41 -20.92
N GLY A 352 -13.97 -10.36 -20.34
CA GLY A 352 -13.65 -10.83 -19.01
C GLY A 352 -13.51 -12.34 -18.97
N GLU A 353 -12.78 -12.90 -19.94
CA GLU A 353 -12.50 -14.34 -20.01
C GLU A 353 -11.83 -14.93 -18.77
N ALA A 354 -10.89 -14.19 -18.19
CA ALA A 354 -10.19 -14.68 -17.01
C ALA A 354 -11.18 -15.06 -15.92
N ILE A 355 -12.18 -14.21 -15.70
CA ILE A 355 -13.17 -14.45 -14.65
C ILE A 355 -13.93 -15.74 -14.94
N ASP A 356 -14.32 -15.90 -16.21
CA ASP A 356 -15.14 -17.03 -16.63
C ASP A 356 -14.36 -18.32 -16.50
N MET A 357 -13.09 -18.27 -16.90
CA MET A 357 -12.16 -19.39 -16.81
C MET A 357 -12.05 -19.87 -15.36
N LEU A 358 -11.76 -18.93 -14.46
CA LEU A 358 -11.61 -19.27 -13.05
C LEU A 358 -12.91 -19.84 -12.44
N GLU A 359 -14.05 -19.22 -12.71
CA GLU A 359 -15.33 -19.74 -12.18
C GLU A 359 -15.55 -21.19 -12.65
N ASN A 360 -15.41 -21.41 -13.95
CA ASN A 360 -15.51 -22.74 -14.53
C ASN A 360 -14.56 -23.75 -13.88
N LYS A 361 -13.30 -23.40 -13.71
CA LYS A 361 -12.31 -24.34 -13.20
C LYS A 361 -12.70 -24.72 -11.78
N PHE A 362 -13.13 -23.75 -10.99
CA PHE A 362 -13.42 -23.97 -9.58
C PHE A 362 -14.73 -24.75 -9.43
N ARG A 363 -15.71 -24.45 -10.27
CA ARG A 363 -16.93 -25.25 -10.28
C ARG A 363 -16.64 -26.70 -10.68
N ASP A 364 -15.94 -26.90 -11.81
CA ASP A 364 -15.52 -28.24 -12.26
C ASP A 364 -14.75 -28.99 -11.18
N ALA A 365 -13.98 -28.27 -10.37
CA ALA A 365 -13.18 -28.92 -9.33
C ALA A 365 -13.99 -29.13 -8.07
N GLY A 366 -15.30 -28.88 -8.17
CA GLY A 366 -16.21 -29.22 -7.10
C GLY A 366 -16.24 -28.28 -5.89
N PHE A 367 -15.90 -27.02 -6.09
CA PHE A 367 -15.98 -26.06 -4.99
C PHE A 367 -17.35 -25.39 -4.87
N SER A 368 -17.76 -25.07 -3.65
CA SER A 368 -18.95 -24.24 -3.41
C SER A 368 -18.58 -22.78 -3.35
N PHE A 369 -19.41 -21.92 -3.95
CA PHE A 369 -19.11 -20.49 -4.01
C PHE A 369 -19.77 -19.69 -2.88
N GLY A 370 -19.02 -18.76 -2.31
CA GLY A 370 -19.51 -17.93 -1.21
C GLY A 370 -20.12 -16.59 -1.57
N PHE A 371 -20.05 -16.24 -2.85
CA PHE A 371 -20.82 -15.12 -3.37
C PHE A 371 -20.83 -15.25 -4.85
N ASP A 372 -21.82 -14.63 -5.47
CA ASP A 372 -21.93 -14.71 -6.90
C ASP A 372 -20.74 -14.01 -7.53
N THR A 373 -20.15 -14.69 -8.51
CA THR A 373 -18.97 -14.19 -9.19
C THR A 373 -19.10 -12.72 -9.61
N ILE A 374 -18.12 -11.91 -9.22
CA ILE A 374 -18.19 -10.47 -9.39
C ILE A 374 -17.47 -9.98 -10.65
N ARG A 375 -18.19 -9.26 -11.50
CA ARG A 375 -17.59 -8.75 -12.73
C ARG A 375 -17.78 -7.23 -12.84
N VAL A 376 -16.69 -6.46 -12.82
CA VAL A 376 -16.81 -5.00 -12.89
C VAL A 376 -16.24 -4.46 -14.19
N LYS A 377 -17.06 -3.72 -14.96
CA LYS A 377 -16.59 -3.17 -16.22
C LYS A 377 -15.87 -1.85 -15.95
N PHE A 378 -14.58 -1.87 -16.30
CA PHE A 378 -13.63 -0.78 -16.09
C PHE A 378 -13.65 -0.25 -14.64
N LYS A 379 -13.65 1.08 -14.50
CA LYS A 379 -13.28 1.71 -13.23
C LYS A 379 -14.34 1.62 -12.16
N PRO A 380 -13.98 1.04 -11.00
CA PRO A 380 -14.91 0.87 -9.88
C PRO A 380 -15.39 2.20 -9.36
N THR A 381 -16.65 2.25 -8.99
CA THR A 381 -17.21 3.43 -8.36
C THR A 381 -17.53 3.16 -6.91
N ASP A 382 -17.99 4.19 -6.23
CA ASP A 382 -18.33 4.12 -4.82
C ASP A 382 -19.32 2.99 -4.58
N GLN A 383 -20.25 2.87 -5.50
CA GLN A 383 -21.29 1.88 -5.37
C GLN A 383 -20.72 0.48 -5.53
N THR A 384 -19.95 0.29 -6.61
CA THR A 384 -19.16 -0.92 -6.81
C THR A 384 -18.48 -1.39 -5.52
N LEU A 385 -17.68 -0.51 -4.93
CA LEU A 385 -16.91 -0.85 -3.74
C LEU A 385 -17.78 -1.35 -2.60
N LYS A 386 -18.92 -0.71 -2.41
CA LYS A 386 -19.82 -1.07 -1.31
C LYS A 386 -20.42 -2.44 -1.54
N MET A 387 -20.76 -2.71 -2.80
CA MET A 387 -21.24 -4.03 -3.20
C MET A 387 -20.17 -5.09 -2.92
N CYS A 388 -18.90 -4.79 -3.22
CA CYS A 388 -17.83 -5.77 -3.00
C CYS A 388 -17.61 -6.01 -1.52
N GLU A 389 -17.61 -4.94 -0.74
CA GLU A 389 -17.48 -5.08 0.69
C GLU A 389 -18.62 -5.98 1.23
N GLU A 390 -19.85 -5.72 0.76
CA GLU A 390 -20.99 -6.53 1.19
C GLU A 390 -20.83 -8.00 0.79
N ALA A 391 -20.21 -8.26 -0.37
CA ALA A 391 -19.95 -9.63 -0.81
C ALA A 391 -18.96 -10.30 0.15
N GLY A 392 -17.94 -9.54 0.55
CA GLY A 392 -16.96 -10.05 1.49
C GLY A 392 -17.61 -10.38 2.82
N THR A 393 -18.47 -9.49 3.29
CA THR A 393 -19.25 -9.78 4.48
C THR A 393 -20.05 -11.05 4.28
N ASP A 394 -20.74 -11.14 3.15
CA ASP A 394 -21.52 -12.31 2.84
C ASP A 394 -20.67 -13.58 2.88
N PHE A 395 -19.52 -13.55 2.19
CA PHE A 395 -18.54 -14.64 2.22
C PHE A 395 -18.19 -15.04 3.67
N ALA A 396 -17.87 -14.03 4.50
CA ALA A 396 -17.47 -14.22 5.88
C ALA A 396 -18.55 -14.92 6.68
N GLN A 397 -19.80 -14.45 6.52
CA GLN A 397 -20.94 -15.04 7.24
C GLN A 397 -21.11 -16.49 6.84
N ALA A 398 -21.01 -16.76 5.53
CA ALA A 398 -21.09 -18.12 5.00
C ALA A 398 -20.02 -19.03 5.61
N LEU A 399 -18.80 -18.52 5.74
CA LEU A 399 -17.77 -19.29 6.42
C LEU A 399 -18.08 -19.53 7.91
N LYS A 400 -18.54 -18.50 8.61
CA LYS A 400 -18.82 -18.63 10.03
C LYS A 400 -19.90 -19.67 10.31
N LYS A 401 -20.95 -19.63 9.50
CA LYS A 401 -22.04 -20.60 9.56
C LYS A 401 -21.50 -22.03 9.39
N ALA A 402 -20.62 -22.26 8.43
CA ALA A 402 -20.00 -23.57 8.28
C ALA A 402 -19.09 -24.01 9.46
N GLU A 403 -18.80 -23.11 10.41
CA GLU A 403 -17.87 -23.29 11.53
C GLU A 403 -16.43 -23.08 11.10
#